data_8DAD
#
_entry.id   8DAD
#
_cell.length_a   1.00
_cell.length_b   1.00
_cell.length_c   1.00
_cell.angle_alpha   90.00
_cell.angle_beta   90.00
_cell.angle_gamma   90.00
#
_symmetry.space_group_name_H-M   'P 1'
#
loop_
_entity.id
_entity.type
_entity.pdbx_description
1 polymer 'AZ090 Fab Heavy Chain'
2 polymer 'AZ090 Fab Light Chain'
3 polymer 'Spike glycoprotein'
4 branched 2-acetamido-2-deoxy-beta-D-glucopyranose-(1-4)-2-acetamido-2-deoxy-beta-D-glucopyranose
#
loop_
_entity_poly.entity_id
_entity_poly.type
_entity_poly.pdbx_seq_one_letter_code
_entity_poly.pdbx_strand_id
1 'polypeptide(L)'
;QVQLVQSGPEVKKPGTSVKVSCKASQFTFSISAVQWVRQARGQRLEWMGWIVVGSGNTDYAQRFQERVTISRDMSAGTVY
MELRSLRSEDTAVYYCAAPYCNKTNCRDGFDMWGQGTMVTVSS
;
H
2 'polypeptide(L)'
;IVLTQSPGTLSLSPGERATLSCRASQSVSSSYLAWYQQKPGQAPRLLIYGASRRATGIPDRFSGSASGTDFILTISRLEP
EDFAVYYCQQYRNSPWTFGQGTKVEIK
;
L
3 'polypeptide(L)'
;MFVFLVLLPLVSSQCVNLTTRTQLPPAYTNSFTRGVYYPDKVFRSSVLHSTQDLFLPFFSNVTWFHAIHVSGTNGTKRFD
NPVLPFNDGVYFASTEKSNIIRGWIFGTTLDSKTQSLLIVNNATNVVIKVCEFQFCNDPFLGVYYHKNNKSWMESEFRVY
SSANNCTFEYVSQPFLMDLEGKQGNFKNLREFVFKNIDGYFKIYSKHTPINLVRDLPQGFSALEPLVDLPIGINITRFQT
LLALHRSYLTPGDSSSGWTAGAAAYYVGYLQPRTFLLKYNENGTITDAVDCALDPLSETKCTLKSFTVEKGIYQTSNFRV
QPTESIVRFPNITNLCPFGEVFNATRFASVYAWNRKRISNCVADYSVLYNSASFSTFKCYGVSPTKLNDLCFTNVYADSF
VIRGDEVRQIAPGQTGKIADYNYKLPDDFTGCVIAWNSNNLDSKVGGNYNYLYRLFRKSNLKPFERDISTEIYQAGSTPC
NGVEGFNCYFPLQSYGFQPTNGVGYQPYRVVVLSFELLHAPATVCGPKKSTNLVKNKCVNFNFNGLTGTGVLTESNKKFL
PFQQFGRDIADTTDAVRDPQTLEILDITPCSFGGVSVITPGTNTSNQVAVLYQDVNCTEVPVAIHADQLTPTWRVYSTGS
NVFQTRAGCLIGAEHVNNSYECDIPIGAGICASYQTQTNSPASVASQSIIAYTMSLGAENSVAYSNNSIAIPTNFTISVT
TEILPVSMTKTSVDCTMYICGDSTECSNLLLQYGSFCTQLNRALTGIAVEQDKNTQEVFAQVKQIYKTPPIKDFGGFNFS
QILPDPSKPSKRSPIEDLLFNKVTLADAGFIKQYGDCLGDIAARDLICAQKFNGLTVLPPLLTDEMIAQYTSALLAGTIT
SGWTFGAGPALQIPFPMQMAYRFNGIGVTQNVLYENQKLIANQFNSAIGKIQDSLSSTPSALGKLQDVVNQNAQALNTLV
KQLSSNFGAISSVLNDILSRLDPPEAEVQIDRLITGRLQSLQTYVTQQLIRAAEIRASANLAATKMSECVLGQSKRVDFC
GKGYHLMSFPQSAPHGVVFLHVTYVPAQEKNFTTAPAICHDGKAHFPREGVFVSNGTHWFVTQRNFYEPQIITTDNTFVS
GNCDVVIGIVNNTVYDPLQPELDSFKEELDKYFKNHTSPDVDLGDISGINASVVNIQKEIDRLNEVAKNLNESLIDLQEL
GKYEQYIKWPSGRLVPRGSPGSGYIPEAPRDGQAYVRKDGEWVLLSTFLGHHHHHH
;
B
#
# COMPACT_ATOMS: atom_id res chain seq x y z
N GLN A 1 14.97 -2.97 14.24
CA GLN A 1 15.86 -2.92 13.09
C GLN A 1 15.10 -2.63 11.81
N VAL A 2 14.81 -1.36 11.55
CA VAL A 2 14.15 -0.97 10.31
C VAL A 2 15.13 -1.22 9.18
N GLN A 3 14.90 -2.27 8.41
CA GLN A 3 15.88 -2.74 7.44
C GLN A 3 15.20 -3.05 6.12
N LEU A 4 15.92 -2.81 5.03
CA LEU A 4 15.52 -3.25 3.70
C LEU A 4 16.58 -4.24 3.25
N VAL A 5 16.42 -5.49 3.65
CA VAL A 5 17.39 -6.53 3.35
C VAL A 5 17.26 -6.87 1.87
N GLN A 6 18.40 -7.09 1.22
CA GLN A 6 18.43 -7.46 -0.18
C GLN A 6 19.27 -8.71 -0.37
N SER A 7 18.98 -9.45 -1.43
CA SER A 7 19.76 -10.64 -1.73
C SER A 7 21.20 -10.28 -2.04
N GLY A 8 22.10 -11.24 -1.87
CA GLY A 8 23.50 -11.03 -2.14
C GLY A 8 23.75 -10.83 -3.62
N PRO A 9 24.98 -10.50 -3.98
CA PRO A 9 25.30 -10.31 -5.40
C PRO A 9 24.92 -11.54 -6.22
N GLU A 10 24.30 -11.28 -7.37
CA GLU A 10 23.89 -12.33 -8.30
C GLU A 10 24.77 -12.31 -9.54
N VAL A 11 25.11 -13.49 -10.02
CA VAL A 11 25.80 -13.67 -11.29
C VAL A 11 24.86 -14.46 -12.18
N LYS A 12 24.23 -13.79 -13.14
CA LYS A 12 23.20 -14.40 -13.97
C LYS A 12 23.64 -14.40 -15.44
N LYS A 13 23.19 -15.41 -16.16
CA LYS A 13 23.50 -15.52 -17.58
C LYS A 13 22.61 -14.57 -18.39
N PRO A 14 23.10 -14.08 -19.53
CA PRO A 14 22.29 -13.19 -20.36
C PRO A 14 21.03 -13.87 -20.86
N GLY A 15 19.96 -13.08 -20.99
CA GLY A 15 18.69 -13.58 -21.45
C GLY A 15 17.85 -14.26 -20.39
N THR A 16 18.34 -14.35 -19.15
CA THR A 16 17.61 -14.98 -18.06
C THR A 16 16.82 -13.93 -17.30
N SER A 17 16.16 -14.38 -16.23
CA SER A 17 15.37 -13.52 -15.38
C SER A 17 15.87 -13.65 -13.94
N VAL A 18 16.05 -12.50 -13.27
CA VAL A 18 16.57 -12.47 -11.91
C VAL A 18 15.51 -11.82 -11.01
N LYS A 19 15.33 -12.40 -9.83
CA LYS A 19 14.38 -11.88 -8.84
C LYS A 19 15.18 -11.09 -7.82
N VAL A 20 15.20 -9.77 -7.97
CA VAL A 20 15.82 -8.91 -6.96
C VAL A 20 14.84 -8.78 -5.80
N SER A 21 15.32 -9.04 -4.60
CA SER A 21 14.47 -9.19 -3.42
C SER A 21 14.63 -8.00 -2.48
N CYS A 22 13.53 -7.60 -1.86
CA CYS A 22 13.49 -6.48 -0.92
C CYS A 22 12.65 -6.92 0.28
N LYS A 23 13.33 -7.34 1.35
CA LYS A 23 12.66 -7.81 2.55
C LYS A 23 12.57 -6.67 3.55
N ALA A 24 11.35 -6.31 3.94
CA ALA A 24 11.14 -5.25 4.92
C ALA A 24 11.26 -5.82 6.32
N SER A 25 11.86 -5.04 7.23
CA SER A 25 12.02 -5.47 8.60
C SER A 25 11.75 -4.31 9.55
N GLN A 26 10.91 -4.57 10.55
CA GLN A 26 10.60 -3.68 11.66
C GLN A 26 9.78 -2.46 11.26
N PHE A 27 9.10 -2.48 10.11
CA PHE A 27 8.17 -1.41 9.77
C PHE A 27 7.02 -1.99 8.98
N THR A 28 5.81 -1.52 9.29
CA THR A 28 4.59 -2.04 8.69
C THR A 28 4.62 -1.88 7.18
N PHE A 29 4.37 -2.97 6.46
CA PHE A 29 4.58 -2.96 5.03
C PHE A 29 3.30 -2.75 4.24
N SER A 30 2.16 -2.60 4.91
CA SER A 30 0.88 -2.50 4.21
C SER A 30 0.70 -1.13 3.57
N ILE A 31 1.06 -0.06 4.29
CA ILE A 31 0.78 1.29 3.82
C ILE A 31 1.89 1.85 2.96
N SER A 32 3.09 1.27 3.02
CA SER A 32 4.27 1.87 2.42
C SER A 32 4.34 1.59 0.93
N ALA A 33 4.88 2.56 0.21
CA ALA A 33 5.15 2.44 -1.21
C ALA A 33 6.64 2.25 -1.41
N VAL A 34 7.00 1.33 -2.29
CA VAL A 34 8.40 1.00 -2.52
C VAL A 34 8.77 1.43 -3.93
N GLN A 35 9.83 2.21 -4.04
CA GLN A 35 10.41 2.51 -5.33
C GLN A 35 11.69 1.72 -5.48
N TRP A 36 12.02 1.41 -6.73
CA TRP A 36 13.24 0.71 -7.07
C TRP A 36 14.08 1.64 -7.91
N VAL A 37 15.38 1.66 -7.63
CA VAL A 37 16.35 2.53 -8.30
C VAL A 37 17.51 1.66 -8.77
N ARG A 38 18.18 2.12 -9.82
CA ARG A 38 19.26 1.40 -10.47
C ARG A 38 20.51 2.28 -10.51
N GLN A 39 21.69 1.66 -10.54
CA GLN A 39 22.92 2.43 -10.61
C GLN A 39 24.01 1.57 -11.23
N ALA A 40 24.43 1.93 -12.44
CA ALA A 40 25.61 1.32 -13.04
C ALA A 40 26.86 1.87 -12.38
N ARG A 41 27.90 1.05 -12.34
CA ARG A 41 29.13 1.40 -11.64
C ARG A 41 29.74 2.69 -12.17
N GLY A 42 29.71 3.74 -11.36
CA GLY A 42 30.19 5.05 -11.76
C GLY A 42 29.17 5.92 -12.47
N GLN A 43 27.95 5.43 -12.69
CA GLN A 43 26.91 6.18 -13.38
C GLN A 43 25.96 6.80 -12.37
N ARG A 44 24.88 7.39 -12.90
CA ARG A 44 23.86 8.01 -12.08
C ARG A 44 22.87 6.96 -11.58
N LEU A 45 21.86 7.41 -10.84
CA LEU A 45 20.73 6.58 -10.48
C LEU A 45 19.59 6.82 -11.47
N GLU A 46 19.04 5.74 -12.00
CA GLU A 46 17.82 5.79 -12.80
C GLU A 46 16.71 5.10 -12.02
N TRP A 47 15.55 5.73 -11.98
CA TRP A 47 14.48 5.24 -11.13
C TRP A 47 13.84 4.02 -11.78
N MET A 48 14.10 2.84 -11.23
CA MET A 48 13.61 1.60 -11.82
C MET A 48 12.10 1.61 -11.95
N GLY A 49 11.41 1.99 -10.90
CA GLY A 49 9.95 2.06 -10.94
C GLY A 49 9.36 1.80 -9.58
N TRP A 50 8.11 2.23 -9.41
CA TRP A 50 7.54 2.24 -8.07
C TRP A 50 6.22 1.49 -8.00
N ILE A 51 5.96 0.89 -6.85
CA ILE A 51 4.69 0.22 -6.57
C ILE A 51 4.18 0.69 -5.22
N VAL A 52 2.86 0.60 -5.06
CA VAL A 52 2.21 0.75 -3.76
C VAL A 52 1.89 -0.64 -3.26
N VAL A 53 2.53 -1.05 -2.16
CA VAL A 53 2.43 -2.43 -1.72
C VAL A 53 0.99 -2.77 -1.35
N GLY A 54 0.29 -1.86 -0.69
CA GLY A 54 -1.05 -2.16 -0.20
C GLY A 54 -2.03 -2.50 -1.31
N SER A 55 -2.05 -1.70 -2.38
CA SER A 55 -3.02 -1.87 -3.44
C SER A 55 -2.46 -2.54 -4.69
N GLY A 56 -1.16 -2.76 -4.76
CA GLY A 56 -0.57 -3.42 -5.90
C GLY A 56 -0.41 -2.57 -7.13
N ASN A 57 -0.74 -1.28 -7.06
CA ASN A 57 -0.58 -0.40 -8.21
C ASN A 57 0.90 -0.23 -8.50
N THR A 58 1.25 -0.27 -9.79
CA THR A 58 2.64 -0.18 -10.23
C THR A 58 2.79 0.91 -11.28
N ASP A 59 4.03 1.36 -11.47
CA ASP A 59 4.36 2.28 -12.55
C ASP A 59 5.82 2.07 -12.91
N TYR A 60 6.08 1.77 -14.18
CA TYR A 60 7.39 1.43 -14.70
C TYR A 60 7.99 2.62 -15.43
N ALA A 61 9.26 2.46 -15.81
CA ALA A 61 9.93 3.46 -16.62
C ALA A 61 9.52 3.35 -18.08
N GLN A 62 9.69 4.45 -18.82
CA GLN A 62 9.33 4.45 -20.24
C GLN A 62 10.25 3.56 -21.07
N ARG A 63 11.42 3.19 -20.55
CA ARG A 63 12.36 2.38 -21.31
C ARG A 63 12.59 0.98 -20.72
N PHE A 64 12.06 0.68 -19.53
CA PHE A 64 12.15 -0.64 -18.90
C PHE A 64 10.79 -1.32 -18.73
N GLN A 65 9.81 -1.02 -19.60
CA GLN A 65 8.49 -1.61 -19.42
C GLN A 65 8.46 -3.07 -19.81
N GLU A 66 9.37 -3.52 -20.67
CA GLU A 66 9.25 -4.79 -21.37
C GLU A 66 10.06 -5.93 -20.74
N ARG A 67 10.87 -5.66 -19.73
CA ARG A 67 11.62 -6.72 -19.07
C ARG A 67 11.55 -6.64 -17.54
N VAL A 68 10.72 -5.76 -16.99
CA VAL A 68 10.68 -5.52 -15.56
C VAL A 68 9.26 -5.75 -15.07
N THR A 69 9.11 -6.55 -14.01
CA THR A 69 7.84 -6.67 -13.31
C THR A 69 8.10 -6.53 -11.82
N ILE A 70 7.58 -5.48 -11.21
CA ILE A 70 7.74 -5.25 -9.78
C ILE A 70 6.44 -5.68 -9.10
N SER A 71 6.52 -6.69 -8.23
CA SER A 71 5.38 -7.20 -7.52
C SER A 71 5.67 -7.24 -6.03
N ARG A 72 4.61 -7.37 -5.23
CA ARG A 72 4.74 -7.36 -3.79
C ARG A 72 4.04 -8.59 -3.21
N ASP A 73 4.44 -8.95 -2.00
CA ASP A 73 3.91 -10.12 -1.30
C ASP A 73 3.74 -9.78 0.17
N MET A 74 2.49 -9.64 0.61
CA MET A 74 2.24 -9.33 2.01
C MET A 74 2.40 -10.55 2.92
N SER A 75 2.31 -11.76 2.38
CA SER A 75 2.49 -12.94 3.22
C SER A 75 3.89 -12.95 3.83
N ALA A 76 4.90 -12.63 3.04
CA ALA A 76 6.27 -12.48 3.53
C ALA A 76 6.68 -11.02 3.67
N GLY A 77 5.85 -10.07 3.24
CA GLY A 77 6.18 -8.67 3.33
C GLY A 77 7.40 -8.29 2.51
N THR A 78 7.50 -8.81 1.30
CA THR A 78 8.65 -8.59 0.44
C THR A 78 8.22 -7.95 -0.87
N VAL A 79 9.20 -7.43 -1.58
CA VAL A 79 9.00 -6.88 -2.91
C VAL A 79 10.00 -7.55 -3.86
N TYR A 80 9.49 -8.03 -4.98
CA TYR A 80 10.33 -8.70 -5.97
C TYR A 80 10.33 -7.89 -7.25
N MET A 81 11.51 -7.77 -7.86
CA MET A 81 11.65 -7.26 -9.21
C MET A 81 12.11 -8.40 -10.10
N GLU A 82 11.26 -8.79 -11.05
CA GLU A 82 11.63 -9.75 -12.08
C GLU A 82 12.27 -8.99 -13.23
N LEU A 83 13.55 -9.28 -13.48
CA LEU A 83 14.28 -8.73 -14.62
C LEU A 83 14.46 -9.85 -15.63
N ARG A 84 13.66 -9.83 -16.68
CA ARG A 84 13.74 -10.82 -17.74
C ARG A 84 14.65 -10.34 -18.85
N SER A 85 15.18 -11.29 -19.62
CA SER A 85 16.05 -11.00 -20.76
C SER A 85 17.22 -10.10 -20.34
N LEU A 86 18.03 -10.64 -19.44
CA LEU A 86 19.18 -9.92 -18.94
C LEU A 86 20.25 -9.82 -20.03
N ARG A 87 21.09 -8.80 -19.93
CA ARG A 87 22.14 -8.57 -20.91
C ARG A 87 23.35 -7.94 -20.22
N SER A 88 24.38 -7.65 -21.02
CA SER A 88 25.66 -7.21 -20.48
C SER A 88 25.53 -5.89 -19.74
N GLU A 89 24.74 -4.96 -20.27
CA GLU A 89 24.61 -3.65 -19.65
C GLU A 89 23.95 -3.72 -18.28
N ASP A 90 23.33 -4.86 -17.94
CA ASP A 90 22.56 -4.95 -16.71
C ASP A 90 23.41 -5.03 -15.45
N THR A 91 24.72 -5.18 -15.58
CA THR A 91 25.58 -5.28 -14.39
C THR A 91 25.52 -3.97 -13.62
N ALA A 92 24.87 -3.98 -12.47
CA ALA A 92 24.64 -2.74 -11.74
C ALA A 92 24.17 -3.05 -10.32
N VAL A 93 24.10 -2.02 -9.49
CA VAL A 93 23.54 -2.10 -8.16
C VAL A 93 22.06 -1.73 -8.24
N TYR A 94 21.23 -2.44 -7.51
CA TYR A 94 19.80 -2.19 -7.46
C TYR A 94 19.41 -1.87 -6.02
N TYR A 95 18.71 -0.75 -5.84
CA TYR A 95 18.39 -0.20 -4.53
C TYR A 95 16.89 -0.17 -4.33
N CYS A 96 16.48 -0.45 -3.10
CA CYS A 96 15.08 -0.41 -2.66
C CYS A 96 14.93 0.80 -1.77
N ALA A 97 13.93 1.64 -2.06
CA ALA A 97 13.67 2.80 -1.23
C ALA A 97 12.21 2.83 -0.83
N ALA A 98 11.94 3.37 0.36
CA ALA A 98 10.58 3.41 0.87
C ALA A 98 10.50 4.41 2.00
N PRO A 99 9.51 5.29 2.00
CA PRO A 99 9.34 6.21 3.14
C PRO A 99 9.05 5.45 4.42
N TYR A 100 9.50 6.02 5.53
CA TYR A 100 9.17 5.46 6.84
C TYR A 100 7.66 5.61 7.04
N CYS A 101 6.96 4.49 7.00
CA CYS A 101 5.51 4.48 7.02
C CYS A 101 5.02 3.75 8.26
N ASN A 102 4.17 4.42 9.04
CA ASN A 102 3.50 3.80 10.17
C ASN A 102 2.19 3.19 9.70
N LYS A 103 1.32 2.81 10.64
CA LYS A 103 0.08 2.16 10.28
C LYS A 103 -0.82 3.05 9.43
N THR A 104 -0.64 4.38 9.54
CA THR A 104 -1.53 5.28 8.82
C THR A 104 -0.80 6.38 8.07
N ASN A 105 0.41 6.74 8.48
CA ASN A 105 1.10 7.87 7.89
C ASN A 105 2.49 7.47 7.41
N CYS A 106 3.00 8.24 6.45
CA CYS A 106 4.28 7.99 5.81
C CYS A 106 5.13 9.24 5.86
N ARG A 107 6.44 9.05 5.67
CA ARG A 107 7.32 10.18 5.46
C ARG A 107 7.08 10.78 4.08
N ASP A 108 7.42 12.06 3.93
CA ASP A 108 7.20 12.77 2.69
C ASP A 108 8.33 12.56 1.69
N GLY A 109 9.14 11.52 1.85
CA GLY A 109 10.22 11.27 0.92
C GLY A 109 10.82 9.90 1.14
N PHE A 110 11.74 9.56 0.24
CA PHE A 110 12.47 8.29 0.31
C PHE A 110 13.65 8.44 1.25
N ASP A 111 13.57 7.81 2.42
CA ASP A 111 14.63 7.87 3.42
C ASP A 111 15.36 6.56 3.58
N MET A 112 14.65 5.46 3.82
CA MET A 112 15.30 4.16 4.00
C MET A 112 15.81 3.64 2.67
N TRP A 113 17.06 3.16 2.68
CA TRP A 113 17.69 2.62 1.49
C TRP A 113 18.46 1.37 1.86
N GLY A 114 18.11 0.26 1.22
CA GLY A 114 18.74 -1.01 1.53
C GLY A 114 20.19 -1.06 1.10
N GLN A 115 20.84 -2.16 1.47
CA GLN A 115 22.26 -2.33 1.18
C GLN A 115 22.54 -2.37 -0.32
N GLY A 116 21.54 -2.66 -1.14
CA GLY A 116 21.77 -2.70 -2.57
C GLY A 116 22.28 -4.06 -3.01
N THR A 117 21.88 -4.45 -4.22
CA THR A 117 22.25 -5.75 -4.76
C THR A 117 23.10 -5.55 -6.02
N MET A 118 24.30 -6.12 -5.99
CA MET A 118 25.12 -6.23 -7.18
C MET A 118 24.57 -7.31 -8.10
N VAL A 119 24.41 -7.00 -9.38
CA VAL A 119 24.02 -7.98 -10.39
C VAL A 119 25.02 -7.91 -11.53
N THR A 120 25.52 -9.08 -11.93
CA THR A 120 26.48 -9.19 -13.04
C THR A 120 25.90 -10.17 -14.06
N VAL A 121 25.71 -9.71 -15.29
CA VAL A 121 25.12 -10.52 -16.34
C VAL A 121 26.10 -10.61 -17.50
N SER A 122 26.59 -11.82 -17.76
CA SER A 122 27.49 -12.09 -18.87
C SER A 122 27.63 -13.60 -19.00
N SER A 123 28.26 -14.04 -20.08
CA SER A 123 28.49 -15.45 -20.32
C SER A 123 29.77 -15.92 -19.63
N ILE B 1 9.46 14.70 -17.18
CA ILE B 1 10.22 15.87 -16.80
C ILE B 1 11.71 15.59 -16.79
N VAL B 2 12.47 16.42 -17.47
CA VAL B 2 13.93 16.31 -17.46
C VAL B 2 14.47 17.19 -16.34
N LEU B 3 15.47 16.68 -15.63
CA LEU B 3 16.09 17.39 -14.51
C LEU B 3 17.57 17.60 -14.83
N THR B 4 18.05 18.82 -14.59
CA THR B 4 19.46 19.13 -14.80
C THR B 4 20.05 19.66 -13.51
N GLN B 5 21.33 19.36 -13.30
CA GLN B 5 22.06 19.82 -12.12
C GLN B 5 23.26 20.62 -12.55
N SER B 6 23.57 21.66 -11.76
CA SER B 6 24.68 22.53 -12.07
C SER B 6 25.34 22.97 -10.77
N PRO B 7 26.65 23.21 -10.76
CA PRO B 7 27.62 22.96 -11.85
C PRO B 7 27.99 21.48 -11.95
N GLY B 8 28.63 21.06 -13.05
CA GLY B 8 28.96 19.65 -13.21
C GLY B 8 29.91 19.12 -12.16
N THR B 9 30.97 19.86 -11.88
CA THR B 9 31.90 19.55 -10.81
C THR B 9 32.13 20.79 -9.97
N LEU B 10 32.22 20.62 -8.67
CA LEU B 10 32.33 21.74 -7.73
C LEU B 10 33.70 21.68 -7.06
N SER B 11 34.67 22.36 -7.65
CA SER B 11 36.00 22.44 -7.09
C SER B 11 36.00 23.49 -5.99
N LEU B 12 36.06 23.03 -4.74
CA LEU B 12 36.03 23.95 -3.61
C LEU B 12 36.84 23.37 -2.46
N SER B 13 37.29 24.25 -1.59
CA SER B 13 38.01 23.95 -0.37
C SER B 13 37.03 23.72 0.77
N PRO B 14 37.43 22.99 1.81
CA PRO B 14 36.55 22.83 2.97
C PRO B 14 36.36 24.15 3.71
N GLY B 15 35.18 24.32 4.32
CA GLY B 15 34.93 25.40 5.23
C GLY B 15 34.06 26.52 4.71
N GLU B 16 33.88 26.63 3.39
CA GLU B 16 33.10 27.73 2.84
C GLU B 16 31.72 27.25 2.39
N ARG B 17 30.98 28.17 1.78
CA ARG B 17 29.60 27.94 1.36
C ARG B 17 29.59 27.53 -0.11
N ALA B 18 28.85 26.47 -0.42
CA ALA B 18 28.70 26.00 -1.79
C ALA B 18 27.22 25.88 -2.14
N THR B 19 26.89 26.22 -3.39
CA THR B 19 25.52 26.20 -3.88
C THR B 19 25.38 25.20 -5.01
N LEU B 20 24.30 24.44 -4.97
CA LEU B 20 23.97 23.45 -5.99
C LEU B 20 22.60 23.80 -6.57
N SER B 21 22.53 23.88 -7.89
CA SER B 21 21.32 24.31 -8.59
C SER B 21 20.72 23.15 -9.37
N CYS B 22 19.39 23.11 -9.43
CA CYS B 22 18.66 22.08 -10.14
C CYS B 22 17.57 22.77 -10.96
N ARG B 23 17.45 22.38 -12.22
CA ARG B 23 16.54 23.00 -13.17
C ARG B 23 15.57 21.92 -13.64
N ALA B 24 14.28 22.16 -13.46
CA ALA B 24 13.23 21.29 -13.94
C ALA B 24 12.59 21.91 -15.18
N SER B 25 12.36 21.08 -16.20
CA SER B 25 11.89 21.60 -17.48
C SER B 25 10.55 22.31 -17.36
N GLN B 26 9.73 21.93 -16.38
CA GLN B 26 8.45 22.57 -16.14
C GLN B 26 8.32 22.88 -14.65
N SER B 27 7.32 23.70 -14.34
CA SER B 27 7.06 24.08 -12.94
C SER B 27 6.59 22.86 -12.17
N VAL B 28 7.39 22.44 -11.18
CA VAL B 28 7.10 21.27 -10.37
C VAL B 28 6.90 21.72 -8.93
N SER B 29 5.87 21.18 -8.28
CA SER B 29 5.57 21.55 -6.90
C SER B 29 6.79 21.33 -6.02
N SER B 30 7.07 22.30 -5.16
CA SER B 30 8.23 22.21 -4.28
C SER B 30 8.11 21.02 -3.33
N SER B 31 6.91 20.77 -2.83
CA SER B 31 6.69 19.73 -1.84
C SER B 31 7.00 18.32 -2.34
N TYR B 32 7.13 18.13 -3.66
CA TYR B 32 7.32 16.79 -4.21
C TYR B 32 8.68 16.62 -4.87
N LEU B 33 9.74 17.13 -4.26
CA LEU B 33 11.08 16.82 -4.75
C LEU B 33 12.06 16.81 -3.59
N ALA B 34 13.12 16.03 -3.76
CA ALA B 34 14.11 15.79 -2.73
C ALA B 34 15.48 15.76 -3.37
N TRP B 35 16.52 16.02 -2.57
CA TRP B 35 17.88 15.73 -2.95
C TRP B 35 18.51 14.75 -1.97
N TYR B 36 19.30 13.84 -2.53
CA TYR B 36 20.03 12.80 -1.83
C TYR B 36 21.53 13.01 -1.96
N GLN B 37 22.27 12.37 -1.06
CA GLN B 37 23.73 12.41 -1.01
C GLN B 37 24.27 11.00 -1.14
N GLN B 38 25.27 10.82 -2.01
CA GLN B 38 25.87 9.53 -2.26
C GLN B 38 27.38 9.66 -2.18
N LYS B 39 27.98 8.94 -1.23
CA LYS B 39 29.41 8.69 -1.22
C LYS B 39 29.64 7.34 -1.89
N PRO B 40 30.50 7.25 -2.90
CA PRO B 40 30.76 5.94 -3.52
C PRO B 40 31.17 4.91 -2.48
N GLY B 41 30.41 3.82 -2.40
CA GLY B 41 30.62 2.76 -1.43
C GLY B 41 29.36 2.25 -0.78
N GLN B 42 28.33 3.07 -0.65
CA GLN B 42 27.10 2.68 0.01
C GLN B 42 25.91 3.33 -0.68
N ALA B 43 24.72 3.07 -0.17
CA ALA B 43 23.51 3.61 -0.76
C ALA B 43 23.44 5.12 -0.57
N PRO B 44 22.89 5.84 -1.54
CA PRO B 44 22.65 7.27 -1.34
C PRO B 44 21.68 7.51 -0.20
N ARG B 45 21.90 8.61 0.51
CA ARG B 45 21.13 8.95 1.70
C ARG B 45 20.30 10.19 1.42
N LEU B 46 19.10 10.24 2.02
CA LEU B 46 18.23 11.39 1.84
C LEU B 46 18.71 12.56 2.68
N LEU B 47 18.80 13.75 2.08
CA LEU B 47 19.09 14.96 2.82
C LEU B 47 17.90 15.90 2.89
N ILE B 48 17.31 16.29 1.77
CA ILE B 48 16.25 17.29 1.79
C ILE B 48 15.04 16.77 1.04
N TYR B 49 13.86 16.95 1.60
CA TYR B 49 12.60 16.56 0.97
C TYR B 49 11.66 17.75 1.00
N GLY B 50 10.78 17.83 0.01
CA GLY B 50 9.94 18.99 -0.16
C GLY B 50 10.66 20.23 -0.64
N ALA B 51 11.95 20.11 -0.97
CA ALA B 51 12.78 21.16 -1.54
C ALA B 51 13.04 22.29 -0.55
N SER B 52 12.34 22.29 0.58
CA SER B 52 12.70 23.13 1.72
C SER B 52 12.17 22.44 2.98
N ARG B 53 13.01 21.59 3.58
CA ARG B 53 12.73 20.92 4.83
C ARG B 53 13.98 20.14 5.23
N ARG B 54 14.27 20.13 6.52
CA ARG B 54 15.46 19.45 7.04
C ARG B 54 15.07 18.04 7.47
N ALA B 55 15.75 17.04 6.90
CA ALA B 55 15.46 15.65 7.24
C ALA B 55 16.02 15.32 8.61
N THR B 56 15.64 14.15 9.12
CA THR B 56 16.04 13.73 10.44
C THR B 56 17.52 13.34 10.47
N GLY B 57 18.25 13.87 11.44
CA GLY B 57 19.62 13.48 11.70
C GLY B 57 20.67 14.23 10.91
N ILE B 58 20.28 14.96 9.86
CA ILE B 58 21.24 15.68 9.04
C ILE B 58 21.74 16.90 9.82
N PRO B 59 23.00 17.30 9.63
CA PRO B 59 23.44 18.58 10.18
C PRO B 59 22.69 19.74 9.53
N ASP B 60 22.54 20.81 10.31
CA ASP B 60 21.77 21.96 9.84
C ASP B 60 22.50 22.79 8.79
N ARG B 61 23.78 22.49 8.53
CA ARG B 61 24.53 23.30 7.58
C ARG B 61 23.94 23.22 6.18
N PHE B 62 23.52 22.03 5.76
CA PHE B 62 22.81 21.91 4.49
C PHE B 62 21.44 22.58 4.59
N SER B 63 21.05 23.29 3.54
CA SER B 63 19.73 23.89 3.51
C SER B 63 19.24 23.98 2.07
N GLY B 64 17.92 24.09 1.91
CA GLY B 64 17.32 24.12 0.60
C GLY B 64 16.35 25.27 0.46
N SER B 65 16.18 25.71 -0.79
CA SER B 65 15.33 26.87 -1.09
C SER B 65 15.08 26.92 -2.59
N ALA B 66 14.45 28.02 -3.02
CA ALA B 66 14.06 28.33 -4.39
C ALA B 66 12.78 27.59 -4.75
N SER B 67 12.26 27.82 -5.95
CA SER B 67 10.91 27.35 -6.28
C SER B 67 10.78 27.19 -7.79
N GLY B 68 9.64 26.62 -8.19
CA GLY B 68 9.26 26.54 -9.59
C GLY B 68 10.24 25.77 -10.45
N THR B 69 10.94 26.48 -11.32
CA THR B 69 11.89 25.88 -12.24
C THR B 69 13.33 25.96 -11.75
N ASP B 70 13.57 26.53 -10.58
CA ASP B 70 14.92 26.61 -10.02
C ASP B 70 14.88 26.13 -8.58
N PHE B 71 15.79 25.22 -8.23
CA PHE B 71 15.89 24.69 -6.87
C PHE B 71 17.34 24.80 -6.43
N ILE B 72 17.56 25.19 -5.18
CA ILE B 72 18.92 25.47 -4.70
C ILE B 72 19.12 24.79 -3.37
N LEU B 73 20.30 24.23 -3.17
CA LEU B 73 20.78 23.84 -1.85
C LEU B 73 22.16 24.40 -1.56
N THR B 74 22.30 24.97 -0.36
CA THR B 74 23.49 25.66 0.07
C THR B 74 24.06 24.98 1.30
N ILE B 75 25.37 24.78 1.29
CA ILE B 75 26.10 24.24 2.43
C ILE B 75 26.97 25.37 2.98
N SER B 76 26.69 25.76 4.23
CA SER B 76 27.31 26.95 4.80
C SER B 76 28.81 26.77 4.98
N ARG B 77 29.22 25.67 5.61
CA ARG B 77 30.61 25.41 5.92
C ARG B 77 30.89 23.96 5.54
N LEU B 78 31.83 23.77 4.60
CA LEU B 78 32.02 22.49 3.93
C LEU B 78 33.06 21.67 4.69
N GLU B 79 32.73 20.40 4.96
CA GLU B 79 33.54 19.47 5.71
C GLU B 79 34.04 18.34 4.79
N PRO B 80 35.20 17.77 5.08
CA PRO B 80 35.71 16.69 4.22
C PRO B 80 34.76 15.52 4.05
N GLU B 81 33.89 15.26 5.02
CA GLU B 81 32.91 14.20 4.83
C GLU B 81 31.79 14.63 3.88
N ASP B 82 31.52 15.94 3.79
CA ASP B 82 30.54 16.43 2.82
C ASP B 82 30.96 16.17 1.39
N PHE B 83 32.24 15.85 1.16
CA PHE B 83 32.77 15.71 -0.19
C PHE B 83 32.25 14.41 -0.80
N ALA B 84 31.10 14.51 -1.44
CA ALA B 84 30.46 13.37 -2.10
C ALA B 84 29.69 13.91 -3.31
N VAL B 85 28.73 13.14 -3.80
CA VAL B 85 27.99 13.53 -4.98
C VAL B 85 26.52 13.70 -4.58
N TYR B 86 25.84 14.66 -5.21
CA TYR B 86 24.49 15.02 -4.80
C TYR B 86 23.52 14.87 -5.97
N TYR B 87 22.36 14.27 -5.70
CA TYR B 87 21.36 13.99 -6.74
C TYR B 87 20.03 14.66 -6.44
N CYS B 88 19.36 15.08 -7.51
CA CYS B 88 18.00 15.57 -7.52
C CYS B 88 17.03 14.43 -7.76
N GLN B 89 15.80 14.58 -7.29
CA GLN B 89 14.73 13.68 -7.70
C GLN B 89 13.40 14.31 -7.37
N GLN B 90 12.61 14.62 -8.39
CA GLN B 90 11.21 14.98 -8.19
C GLN B 90 10.36 13.71 -8.27
N TYR B 91 9.28 13.68 -7.49
CA TYR B 91 8.34 12.58 -7.59
C TYR B 91 6.90 13.10 -7.58
N ARG B 92 6.64 14.12 -8.40
CA ARG B 92 5.28 14.57 -8.67
C ARG B 92 4.69 13.90 -9.91
N ASN B 93 5.34 14.07 -11.06
CA ASN B 93 4.83 13.54 -12.32
C ASN B 93 5.75 12.40 -12.78
N SER B 94 5.15 11.24 -13.05
CA SER B 94 5.90 10.12 -13.58
C SER B 94 6.42 10.46 -14.98
N PRO B 95 7.67 10.07 -15.30
CA PRO B 95 8.64 9.36 -14.46
C PRO B 95 9.30 10.25 -13.42
N TRP B 96 9.71 9.68 -12.28
CA TRP B 96 10.42 10.44 -11.24
C TRP B 96 11.92 10.38 -11.52
N THR B 97 12.33 11.11 -12.55
CA THR B 97 13.72 11.06 -12.98
C THR B 97 14.63 11.70 -11.95
N PHE B 98 15.86 11.18 -11.88
CA PHE B 98 16.91 11.68 -11.00
C PHE B 98 17.76 12.70 -11.75
N GLY B 99 18.47 13.53 -10.97
CA GLY B 99 19.40 14.46 -11.56
C GLY B 99 20.68 13.76 -12.00
N GLN B 100 21.43 14.45 -12.86
CA GLN B 100 22.65 13.84 -13.40
C GLN B 100 23.76 13.70 -12.37
N GLY B 101 23.68 14.41 -11.25
CA GLY B 101 24.72 14.29 -10.26
C GLY B 101 25.56 15.55 -10.18
N THR B 102 25.96 15.89 -8.96
CA THR B 102 26.71 17.13 -8.69
C THR B 102 27.88 16.79 -7.78
N LYS B 103 29.03 16.51 -8.37
CA LYS B 103 30.19 16.07 -7.61
C LYS B 103 30.99 17.26 -7.10
N VAL B 104 31.57 17.09 -5.91
CA VAL B 104 32.42 18.10 -5.28
C VAL B 104 33.77 17.47 -5.00
N GLU B 105 34.85 18.18 -5.34
CA GLU B 105 36.20 17.68 -5.16
C GLU B 105 37.05 18.77 -4.52
N ILE B 106 38.00 18.35 -3.68
CA ILE B 106 38.77 19.30 -2.88
C ILE B 106 39.83 19.95 -3.75
N LYS B 107 39.78 21.28 -3.84
CA LYS B 107 40.74 22.03 -4.63
C LYS B 107 42.05 22.22 -3.87
N ASN C 334 -46.40 -14.31 8.22
CA ASN C 334 -45.54 -13.14 8.10
C ASN C 334 -44.09 -13.51 8.44
N LEU C 335 -43.51 -14.38 7.62
CA LEU C 335 -42.14 -14.82 7.83
C LEU C 335 -41.16 -13.67 7.54
N CYS C 336 -40.05 -13.68 8.25
CA CYS C 336 -39.02 -12.69 8.00
C CYS C 336 -38.41 -12.93 6.61
N PRO C 337 -38.19 -11.87 5.84
CA PRO C 337 -37.74 -12.05 4.44
C PRO C 337 -36.26 -12.40 4.33
N PHE C 338 -35.92 -13.61 4.79
CA PHE C 338 -34.53 -14.05 4.68
C PHE C 338 -34.15 -14.44 3.26
N GLY C 339 -35.13 -14.85 2.43
CA GLY C 339 -34.82 -15.15 1.04
C GLY C 339 -34.27 -13.96 0.29
N GLU C 340 -34.83 -12.78 0.55
CA GLU C 340 -34.33 -11.56 -0.09
C GLU C 340 -32.95 -11.15 0.43
N VAL C 341 -32.46 -11.78 1.50
CA VAL C 341 -31.17 -11.46 2.07
C VAL C 341 -30.11 -12.47 1.65
N PHE C 342 -30.42 -13.75 1.77
CA PHE C 342 -29.48 -14.82 1.49
C PHE C 342 -29.57 -15.34 0.06
N ASN C 343 -30.33 -14.66 -0.80
CA ASN C 343 -30.41 -15.05 -2.21
C ASN C 343 -30.41 -13.84 -3.14
N ALA C 344 -29.91 -12.69 -2.69
CA ALA C 344 -29.88 -11.52 -3.55
C ALA C 344 -28.98 -11.75 -4.76
N THR C 345 -29.41 -11.24 -5.91
CA THR C 345 -28.65 -11.43 -7.14
C THR C 345 -27.28 -10.74 -7.04
N ARG C 346 -27.25 -9.53 -6.50
CA ARG C 346 -26.01 -8.78 -6.35
C ARG C 346 -25.75 -8.50 -4.89
N PHE C 347 -24.47 -8.43 -4.53
CA PHE C 347 -24.04 -8.14 -3.18
C PHE C 347 -23.08 -6.96 -3.19
N ALA C 348 -23.24 -6.05 -2.24
CA ALA C 348 -22.41 -4.87 -2.16
C ALA C 348 -21.00 -5.24 -1.73
N SER C 349 -20.04 -4.37 -2.07
CA SER C 349 -18.67 -4.55 -1.64
C SER C 349 -18.57 -4.39 -0.14
N VAL C 350 -17.47 -4.90 0.43
CA VAL C 350 -17.34 -4.93 1.88
C VAL C 350 -17.15 -3.52 2.43
N TYR C 351 -16.55 -2.61 1.66
CA TYR C 351 -16.39 -1.24 2.14
C TYR C 351 -17.73 -0.51 2.21
N ALA C 352 -18.72 -0.94 1.43
CA ALA C 352 -20.07 -0.38 1.42
C ALA C 352 -21.07 -1.47 1.73
N TRP C 353 -20.79 -2.24 2.78
CA TRP C 353 -21.62 -3.37 3.15
C TRP C 353 -23.06 -2.94 3.34
N ASN C 354 -24.00 -3.71 2.79
CA ASN C 354 -25.39 -3.28 2.78
C ASN C 354 -26.10 -3.79 4.03
N ARG C 355 -26.79 -2.89 4.71
CA ARG C 355 -27.44 -3.19 5.98
C ARG C 355 -28.95 -3.21 5.77
N LYS C 356 -29.60 -4.29 6.20
CA LYS C 356 -31.04 -4.41 6.16
C LYS C 356 -31.57 -4.63 7.57
N ARG C 357 -32.56 -3.83 7.95
CA ARG C 357 -33.21 -3.97 9.24
C ARG C 357 -34.35 -4.98 9.13
N ILE C 358 -34.43 -5.89 10.10
CA ILE C 358 -35.48 -6.88 10.17
C ILE C 358 -36.20 -6.70 11.49
N SER C 359 -37.51 -6.47 11.42
CA SER C 359 -38.32 -6.25 12.61
C SER C 359 -39.76 -6.63 12.30
N ASN C 360 -40.50 -6.96 13.35
CA ASN C 360 -41.92 -7.30 13.26
C ASN C 360 -42.18 -8.42 12.26
N CYS C 361 -41.56 -9.57 12.52
CA CYS C 361 -41.79 -10.76 11.72
C CYS C 361 -41.35 -11.99 12.50
N VAL C 362 -41.84 -13.15 12.08
CA VAL C 362 -41.45 -14.42 12.64
C VAL C 362 -40.29 -14.97 11.80
N ALA C 363 -39.19 -15.31 12.46
CA ALA C 363 -37.98 -15.76 11.77
C ALA C 363 -37.80 -17.25 12.00
N ASP C 364 -37.79 -18.02 10.92
CA ASP C 364 -37.59 -19.47 11.00
C ASP C 364 -36.09 -19.76 10.88
N TYR C 365 -35.37 -19.48 11.97
CA TYR C 365 -33.94 -19.71 11.98
C TYR C 365 -33.56 -21.17 11.81
N SER C 366 -34.52 -22.08 11.99
CA SER C 366 -34.22 -23.50 11.83
C SER C 366 -33.76 -23.81 10.41
N VAL C 367 -34.45 -23.22 9.41
CA VAL C 367 -34.06 -23.46 8.02
C VAL C 367 -32.65 -22.93 7.76
N LEU C 368 -32.36 -21.73 8.28
CA LEU C 368 -31.03 -21.15 8.12
C LEU C 368 -29.97 -22.04 8.76
N TYR C 369 -30.26 -22.54 9.96
CA TYR C 369 -29.28 -23.31 10.71
C TYR C 369 -29.02 -24.68 10.08
N ASN C 370 -30.07 -25.34 9.61
CA ASN C 370 -29.96 -26.70 9.10
C ASN C 370 -29.87 -26.75 7.57
N SER C 371 -29.75 -25.60 6.90
CA SER C 371 -29.68 -25.59 5.45
C SER C 371 -28.49 -26.39 4.94
N ALA C 372 -27.41 -26.47 5.71
CA ALA C 372 -26.22 -27.24 5.38
C ALA C 372 -25.58 -26.80 4.06
N SER C 373 -25.70 -25.52 3.72
CA SER C 373 -25.09 -24.96 2.52
C SER C 373 -24.08 -23.86 2.85
N PHE C 374 -23.66 -23.76 4.10
CA PHE C 374 -22.81 -22.65 4.55
C PHE C 374 -21.45 -23.17 4.99
N SER C 375 -20.40 -22.48 4.52
CA SER C 375 -19.05 -22.86 4.90
C SER C 375 -18.81 -22.67 6.39
N THR C 376 -19.31 -21.56 6.95
CA THR C 376 -19.11 -21.27 8.37
C THR C 376 -20.36 -20.64 8.94
N PHE C 377 -20.78 -21.13 10.11
CA PHE C 377 -21.87 -20.55 10.88
C PHE C 377 -21.32 -20.35 12.29
N LYS C 378 -20.61 -19.24 12.48
CA LYS C 378 -20.01 -18.93 13.78
C LYS C 378 -20.88 -17.94 14.53
N CYS C 379 -21.53 -18.40 15.59
CA CYS C 379 -22.39 -17.53 16.38
C CYS C 379 -21.84 -17.27 17.79
N TYR C 380 -22.01 -16.04 18.25
CA TYR C 380 -21.52 -15.62 19.56
C TYR C 380 -22.65 -14.99 20.37
N GLY C 381 -22.78 -15.42 21.62
CA GLY C 381 -23.74 -14.86 22.53
C GLY C 381 -25.10 -15.52 22.51
N VAL C 382 -25.38 -16.37 21.53
CA VAL C 382 -26.65 -17.07 21.43
C VAL C 382 -26.37 -18.47 20.90
N SER C 383 -26.98 -19.46 21.53
CA SER C 383 -26.81 -20.84 21.08
C SER C 383 -27.36 -20.99 19.67
N PRO C 384 -26.56 -21.48 18.72
CA PRO C 384 -27.07 -21.66 17.35
C PRO C 384 -28.17 -22.69 17.23
N THR C 385 -28.40 -23.50 18.27
CA THR C 385 -29.53 -24.42 18.29
C THR C 385 -30.75 -23.83 18.98
N LYS C 386 -30.56 -23.10 20.07
CA LYS C 386 -31.64 -22.46 20.79
C LYS C 386 -31.82 -21.00 20.40
N LEU C 387 -31.47 -20.64 19.17
CA LEU C 387 -31.59 -19.26 18.70
C LEU C 387 -33.03 -18.95 18.33
N ASN C 388 -33.79 -19.97 17.96
CA ASN C 388 -35.22 -19.81 17.65
C ASN C 388 -35.98 -19.37 18.89
N ASP C 389 -35.66 -19.96 20.05
CA ASP C 389 -36.42 -19.69 21.25
C ASP C 389 -36.25 -18.24 21.72
N LEU C 390 -35.02 -17.75 21.77
CA LEU C 390 -34.79 -16.38 22.24
C LEU C 390 -35.06 -15.26 21.22
N CYS C 391 -35.86 -14.25 21.58
CA CYS C 391 -36.13 -13.18 20.62
C CYS C 391 -35.70 -11.74 20.91
N PHE C 392 -34.62 -11.33 20.26
CA PHE C 392 -34.10 -9.98 20.36
C PHE C 392 -35.00 -9.04 19.55
N THR C 393 -35.00 -7.76 19.90
CA THR C 393 -35.85 -6.78 19.22
C THR C 393 -35.58 -6.63 17.71
N ASN C 394 -34.41 -6.10 17.36
CA ASN C 394 -34.06 -5.87 15.96
C ASN C 394 -33.10 -6.94 15.48
N VAL C 395 -33.15 -7.20 14.16
CA VAL C 395 -32.16 -8.08 13.54
C VAL C 395 -31.51 -7.32 12.39
N TYR C 396 -30.24 -6.98 12.54
CA TYR C 396 -29.53 -6.27 11.48
C TYR C 396 -28.80 -7.28 10.62
N ALA C 397 -29.27 -7.47 9.40
CA ALA C 397 -28.62 -8.36 8.44
C ALA C 397 -27.71 -7.51 7.57
N ASP C 398 -26.41 -7.61 7.79
CA ASP C 398 -25.42 -6.86 7.04
C ASP C 398 -24.73 -7.84 6.10
N SER C 399 -24.78 -7.55 4.81
CA SER C 399 -24.28 -8.45 3.79
C SER C 399 -23.15 -7.81 3.01
N PHE C 400 -22.16 -8.63 2.66
CA PHE C 400 -21.07 -8.22 1.79
C PHE C 400 -20.36 -9.48 1.27
N VAL C 401 -19.24 -9.28 0.59
CA VAL C 401 -18.48 -10.39 0.00
C VAL C 401 -17.01 -10.17 0.28
N ILE C 402 -16.33 -11.20 0.77
CA ILE C 402 -14.91 -11.12 1.08
C ILE C 402 -14.21 -12.38 0.60
N ARG C 403 -12.90 -12.30 0.43
CA ARG C 403 -12.16 -13.50 0.06
C ARG C 403 -12.07 -14.42 1.27
N GLY C 404 -11.89 -15.72 0.99
CA GLY C 404 -12.08 -16.73 2.01
C GLY C 404 -11.14 -16.59 3.20
N ASP C 405 -9.86 -16.29 2.93
CA ASP C 405 -8.87 -16.31 3.99
C ASP C 405 -9.13 -15.23 5.04
N GLU C 406 -9.82 -14.15 4.67
CA GLU C 406 -10.15 -13.10 5.63
C GLU C 406 -11.51 -13.31 6.29
N VAL C 407 -12.18 -14.42 6.00
CA VAL C 407 -13.47 -14.70 6.64
C VAL C 407 -13.29 -14.84 8.15
N ARG C 408 -12.17 -15.45 8.57
CA ARG C 408 -11.87 -15.54 10.00
C ARG C 408 -11.77 -14.16 10.63
N GLN C 409 -11.43 -13.14 9.84
CA GLN C 409 -11.38 -11.77 10.36
C GLN C 409 -12.73 -11.29 10.84
N ILE C 410 -13.83 -11.83 10.31
CA ILE C 410 -15.16 -11.38 10.71
C ILE C 410 -15.49 -12.09 12.01
N ALA C 411 -15.16 -11.45 13.13
CA ALA C 411 -15.37 -11.98 14.47
C ALA C 411 -15.01 -10.89 15.47
N PRO C 412 -15.55 -10.91 16.69
CA PRO C 412 -15.17 -9.92 17.68
C PRO C 412 -13.68 -10.02 18.03
N GLY C 413 -13.05 -8.86 18.17
CA GLY C 413 -11.66 -8.78 18.60
C GLY C 413 -10.62 -9.08 17.54
N GLN C 414 -11.02 -9.35 16.31
CA GLN C 414 -10.06 -9.67 15.26
C GLN C 414 -9.44 -8.40 14.70
N THR C 415 -8.34 -8.58 13.96
CA THR C 415 -7.62 -7.50 13.34
C THR C 415 -7.21 -7.89 11.93
N GLY C 416 -6.96 -6.89 11.10
CA GLY C 416 -6.58 -7.10 9.73
C GLY C 416 -7.00 -5.91 8.90
N LYS C 417 -6.84 -6.04 7.59
CA LYS C 417 -7.26 -4.97 6.69
C LYS C 417 -8.78 -4.79 6.72
N ILE C 418 -9.52 -5.90 6.69
CA ILE C 418 -10.97 -5.82 6.73
C ILE C 418 -11.43 -5.34 8.10
N ALA C 419 -10.86 -5.91 9.17
CA ALA C 419 -11.31 -5.60 10.51
C ALA C 419 -10.91 -4.20 10.97
N ASP C 420 -10.05 -3.51 10.23
CA ASP C 420 -9.59 -2.19 10.64
C ASP C 420 -9.94 -1.09 9.65
N TYR C 421 -10.27 -1.43 8.40
CA TYR C 421 -10.56 -0.41 7.41
C TYR C 421 -11.89 -0.58 6.69
N ASN C 422 -12.51 -1.75 6.74
CA ASN C 422 -13.74 -1.98 5.99
C ASN C 422 -14.93 -2.33 6.87
N TYR C 423 -14.77 -3.24 7.81
CA TYR C 423 -15.89 -3.66 8.65
C TYR C 423 -15.35 -4.30 9.91
N LYS C 424 -15.78 -3.81 11.07
CA LYS C 424 -15.32 -4.31 12.36
C LYS C 424 -16.51 -4.64 13.24
N LEU C 425 -16.38 -5.69 14.05
CA LEU C 425 -17.39 -6.07 15.01
C LEU C 425 -16.93 -5.72 16.42
N PRO C 426 -17.84 -5.31 17.29
CA PRO C 426 -17.45 -4.97 18.67
C PRO C 426 -16.97 -6.19 19.43
N ASP C 427 -16.20 -5.93 20.49
CA ASP C 427 -15.67 -7.02 21.30
C ASP C 427 -16.80 -7.79 21.98
N ASP C 428 -17.82 -7.09 22.46
CA ASP C 428 -18.97 -7.72 23.10
C ASP C 428 -20.12 -7.95 22.13
N PHE C 429 -19.81 -8.21 20.86
CA PHE C 429 -20.83 -8.35 19.83
C PHE C 429 -21.71 -9.56 20.13
N THR C 430 -23.02 -9.33 20.13
CA THR C 430 -24.02 -10.38 20.29
C THR C 430 -24.69 -10.62 18.95
N GLY C 431 -24.76 -11.88 18.52
CA GLY C 431 -25.36 -12.25 17.25
C GLY C 431 -24.59 -13.38 16.55
N CYS C 432 -24.98 -13.71 15.32
CA CYS C 432 -24.34 -14.79 14.56
C CYS C 432 -23.88 -14.37 13.17
N VAL C 433 -22.90 -15.09 12.62
CA VAL C 433 -22.36 -14.82 11.29
C VAL C 433 -22.42 -16.06 10.39
N ILE C 434 -22.77 -15.86 9.12
CA ILE C 434 -22.87 -16.93 8.15
C ILE C 434 -22.02 -16.56 6.95
N ALA C 435 -21.22 -17.51 6.48
CA ALA C 435 -20.34 -17.27 5.34
C ALA C 435 -20.30 -18.51 4.47
N TRP C 436 -20.59 -18.33 3.17
CA TRP C 436 -20.56 -19.47 2.26
C TRP C 436 -19.94 -19.07 0.94
N ASN C 437 -19.28 -20.04 0.31
CA ASN C 437 -18.60 -19.80 -0.96
C ASN C 437 -19.60 -19.43 -2.04
N SER C 438 -19.21 -18.49 -2.90
CA SER C 438 -20.03 -18.06 -4.04
C SER C 438 -19.18 -17.99 -5.31
N ASN C 439 -18.18 -18.86 -5.42
CA ASN C 439 -17.28 -18.81 -6.57
C ASN C 439 -18.03 -19.09 -7.87
N ASN C 440 -18.93 -20.08 -7.85
CA ASN C 440 -19.72 -20.39 -9.04
C ASN C 440 -20.72 -19.29 -9.39
N LEU C 441 -20.95 -18.34 -8.50
CA LEU C 441 -21.95 -17.29 -8.70
C LEU C 441 -21.36 -15.94 -9.02
N ASP C 442 -20.31 -15.52 -8.33
CA ASP C 442 -19.77 -14.17 -8.50
C ASP C 442 -18.53 -14.12 -9.38
N SER C 443 -17.73 -15.18 -9.41
CA SER C 443 -16.53 -15.18 -10.24
C SER C 443 -16.90 -15.13 -11.72
N LYS C 444 -16.07 -14.44 -12.50
CA LYS C 444 -16.26 -14.32 -13.94
C LYS C 444 -14.96 -14.63 -14.65
N VAL C 445 -15.09 -15.14 -15.88
CA VAL C 445 -13.91 -15.48 -16.68
C VAL C 445 -13.12 -14.21 -16.96
N GLY C 446 -11.82 -14.27 -16.73
CA GLY C 446 -10.95 -13.13 -16.88
C GLY C 446 -10.85 -12.25 -15.64
N GLY C 447 -11.62 -12.54 -14.60
CA GLY C 447 -11.54 -11.78 -13.36
C GLY C 447 -12.70 -10.84 -13.14
N ASN C 448 -13.53 -11.12 -12.15
CA ASN C 448 -14.61 -10.23 -11.73
C ASN C 448 -13.99 -9.14 -10.86
N TYR C 449 -13.86 -7.94 -11.41
CA TYR C 449 -13.22 -6.83 -10.73
C TYR C 449 -14.23 -5.80 -10.24
N ASN C 450 -15.46 -6.22 -9.94
CA ASN C 450 -16.53 -5.33 -9.59
C ASN C 450 -16.68 -5.13 -8.09
N TYR C 451 -15.87 -5.80 -7.28
CA TYR C 451 -16.00 -5.74 -5.82
C TYR C 451 -14.77 -5.05 -5.23
N LEU C 452 -15.01 -4.06 -4.37
CA LEU C 452 -13.97 -3.19 -3.85
C LEU C 452 -13.81 -3.41 -2.35
N TYR C 453 -12.66 -2.97 -1.84
CA TYR C 453 -12.43 -2.98 -0.40
C TYR C 453 -11.44 -1.87 -0.05
N ARG C 454 -11.50 -1.43 1.20
CA ARG C 454 -10.69 -0.30 1.65
C ARG C 454 -9.39 -0.78 2.28
N LEU C 455 -8.30 -0.11 1.94
CA LEU C 455 -6.98 -0.41 2.47
C LEU C 455 -6.42 0.66 3.38
N PHE C 456 -6.79 1.92 3.19
CA PHE C 456 -6.17 3.04 3.88
C PHE C 456 -7.23 3.84 4.62
N ARG C 457 -6.92 4.24 5.85
CA ARG C 457 -7.79 5.11 6.61
C ARG C 457 -6.97 5.85 7.66
N LYS C 458 -7.40 7.07 7.98
CA LYS C 458 -6.72 7.85 8.99
C LYS C 458 -6.77 7.17 10.35
N SER C 459 -7.95 6.67 10.72
CA SER C 459 -8.14 6.00 12.00
C SER C 459 -8.99 4.76 11.81
N ASN C 460 -8.85 3.81 12.74
CA ASN C 460 -9.58 2.56 12.65
C ASN C 460 -11.07 2.79 12.88
N LEU C 461 -11.86 1.85 12.37
CA LEU C 461 -13.31 1.98 12.43
C LEU C 461 -13.85 1.73 13.83
N LYS C 462 -14.96 2.38 14.14
CA LYS C 462 -15.77 2.05 15.30
C LYS C 462 -16.60 0.82 15.00
N PRO C 463 -17.17 0.17 16.01
CA PRO C 463 -18.09 -0.95 15.76
C PRO C 463 -19.22 -0.53 14.83
N PHE C 464 -19.44 -1.35 13.80
CA PHE C 464 -20.50 -1.13 12.82
C PHE C 464 -20.34 0.20 12.07
N GLU C 465 -19.12 0.74 12.04
CA GLU C 465 -18.88 2.00 11.38
C GLU C 465 -18.83 1.79 9.87
N ARG C 466 -19.47 2.67 9.12
CA ARG C 466 -19.55 2.57 7.67
C ARG C 466 -18.88 3.79 7.06
N ASP C 467 -17.67 3.59 6.54
CA ASP C 467 -16.93 4.65 5.84
C ASP C 467 -17.00 4.37 4.35
N ILE C 468 -17.70 5.22 3.62
CA ILE C 468 -17.91 5.05 2.18
C ILE C 468 -17.31 6.19 1.38
N SER C 469 -16.54 7.06 2.01
CA SER C 469 -15.91 8.15 1.28
C SER C 469 -14.77 7.63 0.43
N THR C 470 -14.74 8.07 -0.83
CA THR C 470 -13.72 7.64 -1.79
C THR C 470 -12.72 8.76 -2.08
N GLU C 471 -12.47 9.61 -1.08
CA GLU C 471 -11.50 10.68 -1.25
C GLU C 471 -10.09 10.11 -1.33
N ILE C 472 -9.19 10.90 -1.92
CA ILE C 472 -7.80 10.47 -2.04
C ILE C 472 -7.17 10.39 -0.65
N TYR C 473 -6.22 9.48 -0.50
CA TYR C 473 -5.56 9.28 0.80
C TYR C 473 -4.22 9.99 0.83
N GLN C 474 -3.91 10.60 1.98
CA GLN C 474 -2.68 11.35 2.18
C GLN C 474 -1.77 10.55 3.09
N ALA C 475 -0.73 9.95 2.51
CA ALA C 475 0.24 9.21 3.31
C ALA C 475 1.19 10.12 4.06
N GLY C 476 1.53 11.27 3.48
CA GLY C 476 2.45 12.20 4.08
C GLY C 476 1.76 13.40 4.69
N SER C 477 2.54 14.46 4.91
CA SER C 477 2.03 15.71 5.45
C SER C 477 1.81 16.76 4.36
N THR C 478 1.89 16.38 3.09
CA THR C 478 1.79 17.32 2.00
C THR C 478 0.46 17.15 1.27
N PRO C 479 -0.39 18.18 1.24
CA PRO C 479 -1.65 18.09 0.50
C PRO C 479 -1.40 18.09 -1.00
N CYS C 480 -1.97 17.12 -1.70
CA CYS C 480 -1.80 16.99 -3.14
C CYS C 480 -3.09 17.19 -3.92
N ASN C 481 -4.15 17.68 -3.26
CA ASN C 481 -5.35 18.19 -3.92
C ASN C 481 -5.97 17.16 -4.87
N GLY C 482 -6.20 15.96 -4.35
CA GLY C 482 -6.92 14.96 -5.11
C GLY C 482 -6.27 14.53 -6.40
N VAL C 483 -4.94 14.51 -6.44
CA VAL C 483 -4.19 14.10 -7.63
C VAL C 483 -3.38 12.87 -7.28
N GLU C 484 -3.44 11.85 -8.13
CA GLU C 484 -2.70 10.62 -7.88
C GLU C 484 -1.20 10.87 -7.99
N GLY C 485 -0.45 10.27 -7.09
CA GLY C 485 1.00 10.43 -7.10
C GLY C 485 1.60 9.90 -5.83
N PHE C 486 2.81 10.36 -5.54
CA PHE C 486 3.50 9.97 -4.31
C PHE C 486 2.67 10.33 -3.08
N ASN C 487 2.51 9.37 -2.19
CA ASN C 487 1.76 9.52 -0.94
C ASN C 487 0.31 9.92 -1.16
N CYS C 488 -0.16 9.89 -2.39
CA CYS C 488 -1.58 10.02 -2.69
C CYS C 488 -2.02 8.69 -3.29
N TYR C 489 -2.83 7.94 -2.54
CA TYR C 489 -3.27 6.61 -2.96
C TYR C 489 -4.80 6.56 -2.92
N PHE C 490 -5.37 5.95 -3.94
CA PHE C 490 -6.80 5.69 -3.91
C PHE C 490 -7.07 4.62 -2.86
N PRO C 491 -7.86 4.91 -1.83
CA PRO C 491 -7.99 3.96 -0.71
C PRO C 491 -8.64 2.65 -1.08
N LEU C 492 -9.36 2.58 -2.20
CA LEU C 492 -10.11 1.39 -2.56
C LEU C 492 -9.34 0.57 -3.59
N GLN C 493 -9.34 -0.75 -3.39
CA GLN C 493 -8.75 -1.68 -4.34
C GLN C 493 -9.77 -2.75 -4.69
N SER C 494 -9.72 -3.24 -5.92
CA SER C 494 -10.71 -4.19 -6.38
C SER C 494 -10.20 -5.62 -6.23
N TYR C 495 -11.16 -6.54 -6.10
CA TYR C 495 -10.85 -7.97 -5.96
C TYR C 495 -10.69 -8.61 -7.33
N GLY C 496 -9.65 -9.43 -7.48
CA GLY C 496 -9.45 -10.17 -8.70
C GLY C 496 -10.11 -11.53 -8.67
N PHE C 497 -11.43 -11.55 -8.71
CA PHE C 497 -12.19 -12.81 -8.58
C PHE C 497 -12.29 -13.47 -9.95
N GLN C 498 -11.52 -14.53 -10.15
CA GLN C 498 -11.57 -15.32 -11.37
C GLN C 498 -11.60 -16.81 -11.04
N PRO C 499 -12.23 -17.62 -11.89
CA PRO C 499 -12.52 -19.01 -11.51
C PRO C 499 -11.29 -19.87 -11.23
N THR C 500 -10.12 -19.50 -11.72
CA THR C 500 -8.91 -20.28 -11.50
C THR C 500 -8.37 -20.17 -10.09
N ASN C 501 -8.93 -19.30 -9.27
CA ASN C 501 -8.40 -19.05 -7.94
C ASN C 501 -8.76 -20.19 -6.99
N GLY C 502 -7.92 -20.38 -5.98
CA GLY C 502 -8.15 -21.36 -4.96
C GLY C 502 -9.15 -20.87 -3.93
N VAL C 503 -9.24 -21.64 -2.84
CA VAL C 503 -10.17 -21.29 -1.76
C VAL C 503 -9.78 -19.95 -1.14
N GLY C 504 -8.48 -19.71 -0.95
CA GLY C 504 -8.03 -18.49 -0.32
C GLY C 504 -8.50 -17.24 -1.03
N TYR C 505 -8.46 -17.24 -2.36
CA TYR C 505 -8.89 -16.09 -3.15
C TYR C 505 -10.31 -16.21 -3.67
N GLN C 506 -11.01 -17.30 -3.37
CA GLN C 506 -12.36 -17.45 -3.85
C GLN C 506 -13.30 -16.53 -3.08
N PRO C 507 -14.27 -15.91 -3.75
CA PRO C 507 -15.22 -15.04 -3.04
C PRO C 507 -16.15 -15.84 -2.14
N TYR C 508 -16.48 -15.24 -1.01
CA TYR C 508 -17.38 -15.84 -0.02
C TYR C 508 -18.38 -14.78 0.38
N ARG C 509 -19.66 -15.10 0.21
CA ARG C 509 -20.72 -14.20 0.64
C ARG C 509 -20.86 -14.31 2.15
N VAL C 510 -20.90 -13.15 2.81
CA VAL C 510 -20.96 -13.07 4.26
C VAL C 510 -22.21 -12.28 4.65
N VAL C 511 -23.01 -12.88 5.52
CA VAL C 511 -24.19 -12.23 6.10
C VAL C 511 -24.05 -12.31 7.61
N VAL C 512 -23.99 -11.16 8.26
CA VAL C 512 -23.89 -11.10 9.71
C VAL C 512 -25.21 -10.61 10.26
N LEU C 513 -25.74 -11.31 11.25
CA LEU C 513 -27.02 -10.99 11.87
C LEU C 513 -26.72 -10.50 13.28
N SER C 514 -26.83 -9.19 13.47
CA SER C 514 -26.67 -8.59 14.79
C SER C 514 -28.02 -8.55 15.48
N PHE C 515 -28.12 -9.18 16.64
CA PHE C 515 -29.37 -9.28 17.38
C PHE C 515 -29.41 -8.14 18.39
N GLU C 516 -30.08 -7.06 18.03
CA GLU C 516 -30.12 -5.84 18.83
C GLU C 516 -31.24 -5.94 19.85
N LEU C 517 -30.89 -5.75 21.12
CA LEU C 517 -31.83 -5.71 22.24
C LEU C 517 -31.89 -4.30 22.78
N LEU C 518 -33.10 -3.77 22.94
CA LEU C 518 -33.29 -2.45 23.49
C LEU C 518 -34.55 -2.39 24.34
N HIS C 519 -34.93 -1.19 24.79
CA HIS C 519 -36.17 -1.00 25.55
C HIS C 519 -37.32 -0.93 24.55
N ALA C 520 -37.65 -2.08 23.99
CA ALA C 520 -38.65 -2.17 22.92
C ALA C 520 -39.48 -3.42 23.13
N PRO C 521 -40.67 -3.50 22.52
CA PRO C 521 -41.52 -4.68 22.71
C PRO C 521 -40.91 -5.98 22.20
N ALA C 522 -39.84 -5.94 21.41
CA ALA C 522 -39.13 -7.14 20.96
C ALA C 522 -40.07 -8.08 20.19
N THR C 523 -40.51 -7.58 19.03
CA THR C 523 -41.49 -8.28 18.20
C THR C 523 -40.84 -9.22 17.18
N VAL C 524 -39.72 -9.86 17.48
CA VAL C 524 -39.09 -10.72 16.48
C VAL C 524 -38.59 -12.04 17.06
N CYS C 525 -39.41 -13.09 16.95
CA CYS C 525 -38.93 -14.45 17.21
C CYS C 525 -39.71 -15.44 16.37
N GLY C 526 -39.15 -16.64 16.26
CA GLY C 526 -39.71 -17.69 15.44
C GLY C 526 -40.89 -18.38 16.07
N PRO C 527 -41.15 -19.63 15.64
CA PRO C 527 -42.35 -20.41 15.89
C PRO C 527 -42.64 -20.63 17.37
#